data_5LVT
#
_entry.id   5LVT
#
_cell.length_a   47.774
_cell.length_b   99.002
_cell.length_c   168.281
_cell.angle_alpha   90.00
_cell.angle_beta   90.00
_cell.angle_gamma   90.00
#
_symmetry.space_group_name_H-M   'C 2 2 21'
#
loop_
_entity.id
_entity.type
_entity.pdbx_description
1 polymer 'DNA-binding protein HU'
2 non-polymer 'ACETATE ION'
3 non-polymer 'SULFATE ION'
4 water water
#
_entity_poly.entity_id   1
_entity_poly.type   'polypeptide(L)'
_entity_poly.pdbx_seq_one_letter_code
;MANKQDLIAEVAAKTGLTKKDSEKAVNAFGEVVTEFLAKGEKVQLIGFGTFETRERAAREGRNPQTGEAIKIAATVVPAF
KAGKALKDAVK
;
_entity_poly.pdbx_strand_id   A,B,C,D
#
loop_
_chem_comp.id
_chem_comp.type
_chem_comp.name
_chem_comp.formula
ACT non-polymer 'ACETATE ION' 'C2 H3 O2 -1'
SO4 non-polymer 'SULFATE ION' 'O4 S -2'
#
# COMPACT_ATOMS: atom_id res chain seq x y z
N MET A 1 -15.16 -2.68 -8.32
CA MET A 1 -14.96 -3.58 -7.17
C MET A 1 -13.93 -4.64 -7.53
N ALA A 2 -12.95 -4.85 -6.65
CA ALA A 2 -11.91 -5.83 -6.86
C ALA A 2 -12.38 -7.21 -6.40
N ASN A 3 -11.88 -8.25 -7.05
CA ASN A 3 -12.17 -9.61 -6.68
C ASN A 3 -10.84 -10.22 -6.20
N LYS A 4 -10.82 -11.51 -5.88
CA LYS A 4 -9.64 -12.22 -5.42
C LYS A 4 -8.55 -12.28 -6.52
N GLN A 5 -8.93 -12.48 -7.81
CA GLN A 5 -7.96 -12.53 -8.90
C GLN A 5 -7.25 -11.17 -9.09
N ASP A 6 -7.98 -10.05 -8.93
CA ASP A 6 -7.41 -8.69 -8.98
C ASP A 6 -6.38 -8.53 -7.85
N LEU A 7 -6.73 -9.00 -6.63
CA LEU A 7 -5.84 -8.93 -5.48
C LEU A 7 -4.59 -9.81 -5.70
N ILE A 8 -4.78 -11.01 -6.25
CA ILE A 8 -3.71 -11.95 -6.59
C ILE A 8 -2.71 -11.33 -7.60
N ALA A 9 -3.21 -10.73 -8.70
CA ALA A 9 -2.33 -10.09 -9.69
C ALA A 9 -1.49 -8.95 -9.03
N GLU A 10 -2.11 -8.19 -8.10
CA GLU A 10 -1.38 -7.12 -7.40
C GLU A 10 -0.36 -7.67 -6.37
N VAL A 11 -0.69 -8.82 -5.75
CA VAL A 11 0.21 -9.47 -4.78
C VAL A 11 1.48 -9.94 -5.54
N ALA A 12 1.28 -10.54 -6.72
CA ALA A 12 2.32 -11.02 -7.65
C ALA A 12 3.20 -9.86 -8.11
N ALA A 13 2.58 -8.73 -8.53
CA ALA A 13 3.27 -7.51 -8.96
C ALA A 13 4.11 -6.88 -7.82
N LYS A 14 3.57 -6.88 -6.59
CA LYS A 14 4.28 -6.30 -5.44
C LYS A 14 5.46 -7.13 -4.96
N THR A 15 5.36 -8.46 -5.06
CA THR A 15 6.35 -9.36 -4.47
C THR A 15 7.34 -10.02 -5.41
N GLY A 16 6.99 -10.19 -6.68
CA GLY A 16 7.85 -10.94 -7.58
C GLY A 16 7.51 -12.42 -7.58
N LEU A 17 6.51 -12.80 -6.76
CA LEU A 17 6.02 -14.18 -6.75
C LEU A 17 5.17 -14.39 -7.96
N THR A 18 5.06 -15.64 -8.47
CA THR A 18 4.20 -15.96 -9.61
C THR A 18 2.75 -15.79 -9.15
N LYS A 19 1.82 -15.60 -10.10
CA LYS A 19 0.39 -15.49 -9.80
C LYS A 19 -0.13 -16.75 -9.09
N LYS A 20 0.38 -17.94 -9.47
CA LYS A 20 -0.02 -19.23 -8.89
C LYS A 20 0.45 -19.33 -7.41
N ASP A 21 1.72 -18.91 -7.08
CA ASP A 21 2.20 -18.88 -5.68
C ASP A 21 1.44 -17.84 -4.86
N SER A 22 1.16 -16.66 -5.46
CA SER A 22 0.39 -15.58 -4.85
C SER A 22 -1.05 -16.06 -4.51
N GLU A 23 -1.68 -16.77 -5.43
CA GLU A 23 -3.02 -17.35 -5.23
C GLU A 23 -3.03 -18.31 -4.03
N LYS A 24 -2.03 -19.22 -3.94
CA LYS A 24 -1.88 -20.18 -2.83
C LYS A 24 -1.82 -19.43 -1.49
N ALA A 25 -0.96 -18.39 -1.42
CA ALA A 25 -0.77 -17.58 -0.22
C ALA A 25 -2.04 -16.80 0.17
N VAL A 26 -2.72 -16.20 -0.82
CA VAL A 26 -3.92 -15.40 -0.58
C VAL A 26 -5.03 -16.30 -0.02
N ASN A 27 -5.24 -17.48 -0.63
CA ASN A 27 -6.22 -18.44 -0.14
C ASN A 27 -5.88 -18.92 1.25
N ALA A 28 -4.59 -19.27 1.50
CA ALA A 28 -4.11 -19.73 2.81
C ALA A 28 -4.30 -18.65 3.89
N PHE A 29 -4.14 -17.35 3.52
CA PHE A 29 -4.33 -16.24 4.47
C PHE A 29 -5.73 -16.33 5.09
N GLY A 30 -6.75 -16.41 4.23
CA GLY A 30 -8.15 -16.49 4.63
C GLY A 30 -8.46 -17.73 5.44
N GLU A 31 -7.89 -18.87 5.03
CA GLU A 31 -8.05 -20.16 5.72
C GLU A 31 -7.44 -20.13 7.14
N VAL A 32 -6.23 -19.56 7.28
CA VAL A 32 -5.53 -19.47 8.57
C VAL A 32 -6.31 -18.55 9.52
N VAL A 33 -6.76 -17.37 9.04
CA VAL A 33 -7.57 -16.45 9.85
C VAL A 33 -8.85 -17.21 10.32
N THR A 34 -9.51 -17.93 9.37
CA THR A 34 -10.70 -18.72 9.67
C THR A 34 -10.44 -19.74 10.81
N GLU A 35 -9.34 -20.50 10.71
CA GLU A 35 -8.99 -21.53 11.71
C GLU A 35 -8.69 -20.98 13.09
N PHE A 36 -7.94 -19.86 13.16
CA PHE A 36 -7.66 -19.23 14.44
C PHE A 36 -8.96 -18.76 15.09
N LEU A 37 -9.86 -18.11 14.32
CA LEU A 37 -11.15 -17.64 14.84
C LEU A 37 -12.03 -18.80 15.24
N ALA A 38 -12.01 -19.92 14.47
CA ALA A 38 -12.80 -21.13 14.80
C ALA A 38 -12.37 -21.71 16.16
N LYS A 39 -11.07 -21.58 16.51
CA LYS A 39 -10.43 -22.01 17.77
C LYS A 39 -10.64 -20.97 18.89
N GLY A 40 -11.36 -19.87 18.61
CA GLY A 40 -11.59 -18.80 19.56
C GLY A 40 -10.35 -17.95 19.82
N GLU A 41 -9.41 -17.87 18.84
CA GLU A 41 -8.18 -17.11 18.95
C GLU A 41 -8.19 -15.83 18.09
N LYS A 42 -7.83 -14.68 18.67
CA LYS A 42 -7.72 -13.42 17.93
C LYS A 42 -6.46 -13.48 17.05
N VAL A 43 -6.47 -12.75 15.94
CA VAL A 43 -5.32 -12.66 15.02
C VAL A 43 -4.98 -11.17 14.85
N GLN A 44 -3.84 -10.71 15.45
CA GLN A 44 -3.38 -9.33 15.35
C GLN A 44 -2.30 -9.21 14.27
N LEU A 45 -2.53 -8.35 13.27
CA LEU A 45 -1.64 -8.16 12.13
C LEU A 45 -1.18 -6.72 12.05
N ILE A 46 0.04 -6.46 12.57
CA ILE A 46 0.69 -5.15 12.60
C ILE A 46 0.60 -4.48 11.20
N GLY A 47 0.17 -3.23 11.19
CA GLY A 47 0.02 -2.44 9.98
C GLY A 47 -1.27 -2.70 9.23
N PHE A 48 -2.13 -3.60 9.76
CA PHE A 48 -3.39 -3.88 9.07
C PHE A 48 -4.58 -3.85 10.03
N GLY A 49 -4.63 -4.81 10.94
CA GLY A 49 -5.71 -4.86 11.92
C GLY A 49 -5.79 -6.16 12.67
N THR A 50 -6.90 -6.34 13.41
CA THR A 50 -7.14 -7.50 14.24
C THR A 50 -8.43 -8.19 13.89
N PHE A 51 -8.36 -9.49 13.63
CA PHE A 51 -9.55 -10.32 13.41
C PHE A 51 -9.87 -10.97 14.76
N GLU A 52 -11.15 -10.96 15.12
CA GLU A 52 -11.61 -11.54 16.38
C GLU A 52 -13.07 -11.96 16.25
N THR A 53 -13.70 -12.32 17.36
CA THR A 53 -15.12 -12.65 17.37
C THR A 53 -15.76 -11.77 18.44
N ARG A 54 -17.08 -11.65 18.39
CA ARG A 54 -17.88 -10.91 19.36
C ARG A 54 -19.23 -11.61 19.50
N GLU A 55 -19.87 -11.46 20.67
CA GLU A 55 -21.16 -12.08 20.90
C GLU A 55 -22.25 -11.10 20.46
N ARG A 56 -23.07 -11.50 19.50
CA ARG A 56 -24.20 -10.75 19.01
C ARG A 56 -25.36 -11.22 19.91
N ALA A 57 -26.01 -10.27 20.63
CA ALA A 57 -27.10 -10.54 21.56
C ALA A 57 -28.32 -11.17 20.88
N ALA A 58 -29.11 -11.93 21.67
CA ALA A 58 -30.35 -12.53 21.22
C ALA A 58 -31.30 -11.41 20.79
N ARG A 59 -32.12 -11.70 19.79
CA ARG A 59 -33.10 -10.73 19.34
C ARG A 59 -34.46 -11.42 19.25
N GLU A 60 -35.53 -10.67 19.48
CA GLU A 60 -36.86 -11.27 19.37
C GLU A 60 -37.73 -10.34 18.57
N GLY A 61 -38.56 -10.92 17.74
CA GLY A 61 -39.43 -10.14 16.91
C GLY A 61 -40.57 -10.95 16.38
N ARG A 62 -41.22 -10.43 15.34
CA ARG A 62 -42.34 -11.12 14.75
C ARG A 62 -42.25 -11.21 13.26
N ASN A 63 -42.68 -12.38 12.73
CA ASN A 63 -42.80 -12.64 11.31
C ASN A 63 -43.94 -11.72 10.83
N PRO A 64 -43.65 -10.73 9.96
CA PRO A 64 -44.70 -9.78 9.53
C PRO A 64 -45.88 -10.39 8.78
N GLN A 65 -45.68 -11.58 8.18
CA GLN A 65 -46.70 -12.29 7.40
C GLN A 65 -47.62 -13.15 8.28
N THR A 66 -47.06 -13.89 9.24
CA THR A 66 -47.80 -14.81 10.10
C THR A 66 -48.19 -14.20 11.45
N GLY A 67 -47.43 -13.21 11.90
CA GLY A 67 -47.60 -12.59 13.21
C GLY A 67 -46.91 -13.36 14.32
N GLU A 68 -46.31 -14.54 13.98
CA GLU A 68 -45.62 -15.41 14.93
C GLU A 68 -44.28 -14.89 15.38
N ALA A 69 -43.99 -15.15 16.66
CA ALA A 69 -42.78 -14.76 17.37
C ALA A 69 -41.58 -15.50 16.84
N ILE A 70 -40.48 -14.77 16.62
CA ILE A 70 -39.22 -15.35 16.16
C ILE A 70 -38.17 -15.00 17.19
N LYS A 71 -37.50 -16.02 17.70
CA LYS A 71 -36.44 -15.83 18.67
C LYS A 71 -35.16 -16.14 17.95
N ILE A 72 -34.27 -15.16 17.84
CA ILE A 72 -32.95 -15.35 17.25
C ILE A 72 -31.97 -15.44 18.42
N ALA A 73 -31.36 -16.61 18.61
CA ALA A 73 -30.44 -16.87 19.72
C ALA A 73 -29.18 -16.03 19.67
N ALA A 74 -28.52 -15.82 20.84
CA ALA A 74 -27.24 -15.12 20.91
C ALA A 74 -26.22 -15.93 20.10
N THR A 75 -25.38 -15.26 19.32
CA THR A 75 -24.44 -15.96 18.45
C THR A 75 -23.08 -15.31 18.47
N VAL A 76 -22.04 -16.11 18.23
CA VAL A 76 -20.67 -15.62 18.11
C VAL A 76 -20.48 -15.26 16.62
N VAL A 77 -20.02 -14.03 16.36
CA VAL A 77 -19.82 -13.53 15.01
C VAL A 77 -18.38 -13.06 14.78
N PRO A 78 -17.87 -13.11 13.53
CA PRO A 78 -16.52 -12.56 13.28
C PRO A 78 -16.55 -11.03 13.36
N ALA A 79 -15.41 -10.43 13.68
CA ALA A 79 -15.23 -8.99 13.71
C ALA A 79 -13.80 -8.63 13.29
N PHE A 80 -13.64 -7.43 12.72
CA PHE A 80 -12.34 -6.92 12.31
C PHE A 80 -12.18 -5.51 12.89
N LYS A 81 -11.03 -5.25 13.51
CA LYS A 81 -10.73 -3.95 14.07
C LYS A 81 -9.53 -3.41 13.28
N ALA A 82 -9.75 -2.37 12.46
CA ALA A 82 -8.70 -1.80 11.63
C ALA A 82 -7.66 -1.10 12.49
N GLY A 83 -6.41 -1.22 12.07
CA GLY A 83 -5.30 -0.55 12.76
C GLY A 83 -5.18 0.87 12.24
N LYS A 84 -4.23 1.62 12.82
CA LYS A 84 -3.97 3.02 12.46
C LYS A 84 -3.63 3.23 10.97
N ALA A 85 -2.69 2.42 10.41
CA ALA A 85 -2.25 2.54 9.02
C ALA A 85 -3.44 2.41 8.05
N LEU A 86 -4.33 1.43 8.31
CA LEU A 86 -5.48 1.21 7.44
C LEU A 86 -6.52 2.37 7.57
N LYS A 87 -6.77 2.84 8.79
CA LYS A 87 -7.66 3.97 9.04
C LYS A 87 -7.13 5.25 8.35
N ASP A 88 -5.82 5.52 8.52
CA ASP A 88 -5.17 6.68 7.90
C ASP A 88 -5.23 6.65 6.37
N ALA A 89 -5.10 5.46 5.76
CA ALA A 89 -5.15 5.30 4.31
C ALA A 89 -6.51 5.63 3.73
N VAL A 90 -7.61 5.33 4.43
CA VAL A 90 -8.95 5.55 3.87
C VAL A 90 -9.54 6.93 4.22
N LYS A 91 -9.04 7.60 5.27
CA LYS A 91 -9.63 8.87 5.68
C LYS A 91 -9.25 10.02 4.71
N MET B 1 23.88 -2.69 -11.39
CA MET B 1 22.54 -2.36 -10.93
C MET B 1 22.33 -2.85 -9.49
N ALA B 2 21.87 -1.96 -8.62
CA ALA B 2 21.55 -2.29 -7.25
C ALA B 2 20.08 -2.70 -7.17
N ASN B 3 19.78 -3.70 -6.36
CA ASN B 3 18.42 -4.14 -6.18
C ASN B 3 17.95 -3.75 -4.75
N LYS B 4 16.71 -4.13 -4.37
CA LYS B 4 16.16 -3.83 -3.05
C LYS B 4 17.01 -4.37 -1.88
N GLN B 5 17.53 -5.62 -2.01
CA GLN B 5 18.37 -6.21 -0.96
C GLN B 5 19.68 -5.42 -0.75
N ASP B 6 20.30 -4.92 -1.85
CA ASP B 6 21.49 -4.07 -1.81
C ASP B 6 21.15 -2.75 -1.08
N LEU B 7 19.98 -2.15 -1.39
CA LEU B 7 19.56 -0.92 -0.74
C LEU B 7 19.30 -1.13 0.77
N ILE B 8 18.64 -2.25 1.14
CA ILE B 8 18.35 -2.63 2.52
C ILE B 8 19.67 -2.81 3.30
N ALA B 9 20.69 -3.45 2.72
CA ALA B 9 21.98 -3.63 3.40
C ALA B 9 22.63 -2.25 3.71
N GLU B 10 22.53 -1.30 2.77
CA GLU B 10 23.06 0.06 2.94
C GLU B 10 22.28 0.87 3.98
N VAL B 11 20.94 0.73 4.00
CA VAL B 11 20.06 1.39 4.99
C VAL B 11 20.41 0.89 6.40
N ALA B 12 20.57 -0.44 6.58
CA ALA B 12 20.95 -1.07 7.85
C ALA B 12 22.31 -0.56 8.36
N ALA B 13 23.30 -0.48 7.44
CA ALA B 13 24.65 0.00 7.76
C ALA B 13 24.62 1.48 8.19
N LYS B 14 23.81 2.32 7.50
CA LYS B 14 23.70 3.75 7.80
C LYS B 14 22.97 4.07 9.09
N THR B 15 21.93 3.28 9.44
CA THR B 15 21.06 3.56 10.59
C THR B 15 21.36 2.80 11.87
N GLY B 16 21.99 1.64 11.76
CA GLY B 16 22.19 0.79 12.91
C GLY B 16 21.03 -0.17 13.11
N LEU B 17 19.99 -0.09 12.26
CA LEU B 17 18.83 -0.99 12.33
C LEU B 17 19.25 -2.34 11.78
N THR B 18 18.57 -3.43 12.21
CA THR B 18 18.85 -4.76 11.64
C THR B 18 18.44 -4.73 10.16
N LYS B 19 18.90 -5.70 9.34
CA LYS B 19 18.47 -5.78 7.95
C LYS B 19 16.97 -6.07 7.89
N LYS B 20 16.44 -6.87 8.84
CA LYS B 20 15.02 -7.20 8.90
C LYS B 20 14.15 -5.96 9.14
N ASP B 21 14.57 -5.08 10.06
CA ASP B 21 13.85 -3.82 10.33
C ASP B 21 14.00 -2.82 9.19
N SER B 22 15.20 -2.78 8.55
CA SER B 22 15.46 -1.92 7.39
C SER B 22 14.57 -2.36 6.23
N GLU B 23 14.42 -3.69 6.02
CA GLU B 23 13.56 -4.26 4.96
C GLU B 23 12.11 -3.82 5.18
N LYS B 24 11.61 -3.92 6.43
CA LYS B 24 10.24 -3.52 6.80
C LYS B 24 10.00 -2.05 6.45
N ALA B 25 10.95 -1.17 6.86
CA ALA B 25 10.84 0.26 6.61
C ALA B 25 10.94 0.62 5.12
N VAL B 26 11.84 -0.06 4.37
CA VAL B 26 12.05 0.20 2.92
C VAL B 26 10.78 -0.18 2.18
N ASN B 27 10.20 -1.36 2.48
CA ASN B 27 8.94 -1.80 1.88
C ASN B 27 7.81 -0.87 2.25
N ALA B 28 7.70 -0.45 3.53
CA ALA B 28 6.64 0.47 3.99
C ALA B 28 6.77 1.85 3.30
N PHE B 29 8.01 2.33 3.04
CA PHE B 29 8.24 3.60 2.33
C PHE B 29 7.51 3.57 0.96
N GLY B 30 7.76 2.52 0.17
CA GLY B 30 7.16 2.32 -1.15
C GLY B 30 5.65 2.20 -1.08
N GLU B 31 5.16 1.46 -0.08
CA GLU B 31 3.73 1.26 0.17
C GLU B 31 3.01 2.57 0.53
N VAL B 32 3.63 3.39 1.40
CA VAL B 32 3.05 4.69 1.81
C VAL B 32 2.97 5.63 0.61
N VAL B 33 4.07 5.73 -0.18
CA VAL B 33 4.09 6.57 -1.39
C VAL B 33 2.94 6.08 -2.33
N THR B 34 2.84 4.76 -2.55
CA THR B 34 1.81 4.13 -3.39
C THR B 34 0.40 4.57 -2.94
N GLU B 35 0.12 4.48 -1.62
CA GLU B 35 -1.19 4.83 -1.04
C GLU B 35 -1.57 6.27 -1.20
N PHE B 36 -0.63 7.18 -0.94
CA PHE B 36 -0.85 8.61 -1.14
C PHE B 36 -1.19 8.88 -2.60
N LEU B 37 -0.40 8.28 -3.54
CA LEU B 37 -0.61 8.40 -5.01
C LEU B 37 -1.98 7.81 -5.43
N ALA B 38 -2.36 6.64 -4.87
CA ALA B 38 -3.66 5.99 -5.11
C ALA B 38 -4.85 6.92 -4.69
N LYS B 39 -4.65 7.76 -3.65
CA LYS B 39 -5.62 8.74 -3.14
C LYS B 39 -5.55 10.07 -3.93
N GLY B 40 -4.70 10.14 -4.95
CA GLY B 40 -4.47 11.36 -5.73
C GLY B 40 -3.78 12.46 -4.93
N GLU B 41 -2.90 12.07 -3.98
CA GLU B 41 -2.14 13.02 -3.15
C GLU B 41 -0.65 13.00 -3.50
N LYS B 42 -0.02 14.17 -3.66
CA LYS B 42 1.42 14.28 -3.90
C LYS B 42 2.19 13.99 -2.58
N VAL B 43 3.44 13.49 -2.70
CA VAL B 43 4.34 13.22 -1.57
C VAL B 43 5.62 14.02 -1.81
N GLN B 44 5.80 15.10 -1.07
CA GLN B 44 7.00 15.93 -1.19
C GLN B 44 7.99 15.53 -0.11
N LEU B 45 9.22 15.15 -0.53
CA LEU B 45 10.27 14.74 0.37
C LEU B 45 11.49 15.64 0.20
N ILE B 46 11.59 16.68 1.07
CA ILE B 46 12.68 17.67 1.05
C ILE B 46 14.02 16.97 1.02
N GLY B 47 14.87 17.42 0.11
CA GLY B 47 16.20 16.87 -0.08
C GLY B 47 16.23 15.67 -0.99
N PHE B 48 15.05 15.25 -1.52
CA PHE B 48 14.99 14.11 -2.43
C PHE B 48 14.16 14.41 -3.67
N GLY B 49 12.85 14.52 -3.49
CA GLY B 49 11.95 14.81 -4.61
C GLY B 49 10.49 14.69 -4.27
N THR B 50 9.64 14.86 -5.29
CA THR B 50 8.20 14.76 -5.17
C THR B 50 7.63 13.65 -6.03
N PHE B 51 6.86 12.74 -5.40
CA PHE B 51 6.12 11.71 -6.10
C PHE B 51 4.73 12.27 -6.34
N GLU B 52 4.21 12.08 -7.55
CA GLU B 52 2.89 12.59 -7.91
C GLU B 52 2.30 11.74 -9.02
N THR B 53 1.15 12.15 -9.52
CA THR B 53 0.49 11.47 -10.64
C THR B 53 0.30 12.48 -11.74
N ARG B 54 0.26 12.00 -12.97
CA ARG B 54 0.00 12.86 -14.13
C ARG B 54 -0.92 12.13 -15.10
N GLU B 55 -1.69 12.87 -15.88
CA GLU B 55 -2.58 12.28 -16.88
C GLU B 55 -1.84 12.12 -18.19
N ARG B 56 -1.78 10.90 -18.69
CA ARG B 56 -1.19 10.58 -19.98
C ARG B 56 -2.37 10.63 -20.94
N ALA B 57 -2.25 11.43 -22.00
CA ALA B 57 -3.29 11.54 -23.02
C ALA B 57 -3.47 10.23 -23.83
N ALA B 58 -4.70 10.03 -24.33
CA ALA B 58 -5.05 8.90 -25.18
C ALA B 58 -4.20 8.97 -26.45
N ARG B 59 -3.81 7.83 -26.97
CA ARG B 59 -3.00 7.76 -28.18
C ARG B 59 -3.24 6.42 -28.87
N GLU B 60 -2.62 6.27 -30.02
CA GLU B 60 -2.68 5.03 -30.74
C GLU B 60 -1.29 4.44 -30.61
N GLY B 61 -1.25 3.15 -30.35
CA GLY B 61 -0.03 2.34 -30.29
C GLY B 61 -0.13 1.26 -31.35
N ARG B 62 0.92 0.48 -31.54
CA ARG B 62 1.01 -0.59 -32.52
C ARG B 62 1.21 -1.90 -31.79
N ASN B 63 0.43 -2.91 -32.17
CA ASN B 63 0.50 -4.24 -31.59
C ASN B 63 1.74 -4.89 -32.25
N PRO B 64 2.81 -5.25 -31.48
CA PRO B 64 4.01 -5.84 -32.10
C PRO B 64 3.81 -7.20 -32.75
N GLN B 65 2.74 -7.93 -32.36
CA GLN B 65 2.41 -9.24 -32.90
C GLN B 65 1.63 -9.17 -34.22
N THR B 66 0.63 -8.28 -34.29
CA THR B 66 -0.23 -8.14 -35.48
C THR B 66 0.24 -7.04 -36.46
N GLY B 67 0.92 -6.03 -35.93
CA GLY B 67 1.35 -4.86 -36.69
C GLY B 67 0.27 -3.78 -36.73
N GLU B 68 -0.91 -4.09 -36.19
CA GLU B 68 -2.07 -3.20 -36.24
C GLU B 68 -2.16 -2.22 -35.09
N ALA B 69 -2.91 -1.15 -35.34
CA ALA B 69 -3.18 -0.09 -34.38
C ALA B 69 -4.01 -0.62 -33.21
N ILE B 70 -3.69 -0.12 -32.04
CA ILE B 70 -4.43 -0.37 -30.83
C ILE B 70 -4.74 0.99 -30.24
N LYS B 71 -5.87 1.11 -29.58
CA LYS B 71 -6.26 2.37 -28.96
C LYS B 71 -5.90 2.33 -27.48
N ILE B 72 -5.00 3.23 -27.06
CA ILE B 72 -4.56 3.35 -25.67
C ILE B 72 -5.33 4.53 -25.05
N ALA B 73 -6.18 4.22 -24.08
CA ALA B 73 -7.00 5.22 -23.37
C ALA B 73 -6.15 6.17 -22.52
N ALA B 74 -6.70 7.35 -22.19
CA ALA B 74 -6.06 8.31 -21.29
C ALA B 74 -5.91 7.61 -19.92
N THR B 75 -4.75 7.74 -19.30
CA THR B 75 -4.45 7.01 -18.07
C THR B 75 -3.76 7.92 -17.08
N VAL B 76 -3.98 7.68 -15.79
CA VAL B 76 -3.28 8.36 -14.70
C VAL B 76 -2.03 7.51 -14.44
N VAL B 77 -0.84 8.14 -14.44
CA VAL B 77 0.43 7.43 -14.27
C VAL B 77 1.23 8.03 -13.14
N PRO B 78 2.10 7.23 -12.46
CA PRO B 78 2.95 7.83 -11.40
C PRO B 78 4.06 8.65 -12.06
N ALA B 79 4.57 9.65 -11.33
CA ALA B 79 5.66 10.51 -11.78
C ALA B 79 6.50 10.90 -10.57
N PHE B 80 7.79 11.11 -10.82
CA PHE B 80 8.75 11.54 -9.81
C PHE B 80 9.47 12.76 -10.34
N LYS B 81 9.51 13.81 -9.53
CA LYS B 81 10.20 15.05 -9.88
C LYS B 81 11.33 15.21 -8.87
N ALA B 82 12.57 15.05 -9.34
CA ALA B 82 13.75 15.16 -8.48
C ALA B 82 13.92 16.58 -7.95
N GLY B 83 14.34 16.70 -6.70
CA GLY B 83 14.62 17.99 -6.09
C GLY B 83 16.02 18.46 -6.46
N LYS B 84 16.39 19.68 -6.02
CA LYS B 84 17.69 20.29 -6.29
C LYS B 84 18.89 19.46 -5.81
N ALA B 85 18.85 18.96 -4.54
CA ALA B 85 19.93 18.15 -3.96
C ALA B 85 20.21 16.88 -4.77
N LEU B 86 19.14 16.20 -5.23
CA LEU B 86 19.30 14.99 -6.04
C LEU B 86 19.84 15.30 -7.44
N LYS B 87 19.35 16.37 -8.07
CA LYS B 87 19.85 16.80 -9.39
C LYS B 87 21.33 17.18 -9.32
N ASP B 88 21.71 17.94 -8.28
CA ASP B 88 23.11 18.36 -8.06
C ASP B 88 24.04 17.18 -7.85
N ALA B 89 23.58 16.15 -7.13
CA ALA B 89 24.35 14.93 -6.85
C ALA B 89 24.68 14.11 -8.08
N VAL B 90 23.77 14.05 -9.06
CA VAL B 90 23.96 13.22 -10.26
C VAL B 90 24.65 13.97 -11.42
N LYS B 91 24.61 15.34 -11.45
CA LYS B 91 25.24 16.17 -12.51
C LYS B 91 26.73 15.82 -12.67
N MET C 1 -3.33 -15.10 21.73
CA MET C 1 -3.51 -14.29 20.54
C MET C 1 -2.44 -14.60 19.50
N ALA C 2 -2.87 -14.82 18.25
CA ALA C 2 -1.94 -15.09 17.14
C ALA C 2 -1.48 -13.76 16.55
N ASN C 3 -0.22 -13.69 16.16
CA ASN C 3 0.35 -12.52 15.53
C ASN C 3 0.67 -12.86 14.06
N LYS C 4 1.24 -11.90 13.31
CA LYS C 4 1.60 -12.07 11.89
C LYS C 4 2.59 -13.22 11.64
N GLN C 5 3.61 -13.39 12.50
CA GLN C 5 4.58 -14.48 12.37
C GLN C 5 3.91 -15.86 12.52
N ASP C 6 2.91 -15.99 13.45
CA ASP C 6 2.11 -17.22 13.63
C ASP C 6 1.32 -17.50 12.35
N LEU C 7 0.69 -16.46 11.78
CA LEU C 7 -0.07 -16.61 10.54
C LEU C 7 0.85 -16.99 9.35
N ILE C 8 2.02 -16.36 9.23
CA ILE C 8 3.01 -16.66 8.18
C ILE C 8 3.49 -18.12 8.27
N ALA C 9 3.75 -18.64 9.50
CA ALA C 9 4.19 -20.04 9.66
C ALA C 9 3.09 -20.98 9.17
N GLU C 10 1.82 -20.64 9.41
CA GLU C 10 0.70 -21.49 8.97
C GLU C 10 0.43 -21.40 7.48
N VAL C 11 0.60 -20.23 6.88
CA VAL C 11 0.50 -20.01 5.43
C VAL C 11 1.62 -20.88 4.75
N ALA C 12 2.84 -20.88 5.32
CA ALA C 12 3.97 -21.68 4.80
C ALA C 12 3.61 -23.17 4.83
N ALA C 13 3.11 -23.66 5.97
CA ALA C 13 2.69 -25.05 6.19
C ALA C 13 1.57 -25.48 5.22
N LYS C 14 0.59 -24.60 4.98
CA LYS C 14 -0.54 -24.88 4.08
C LYS C 14 -0.18 -24.89 2.60
N THR C 15 0.79 -24.07 2.18
CA THR C 15 1.11 -23.88 0.76
C THR C 15 2.35 -24.59 0.27
N GLY C 16 3.29 -24.86 1.18
CA GLY C 16 4.58 -25.41 0.79
C GLY C 16 5.57 -24.32 0.41
N LEU C 17 5.15 -23.04 0.47
CA LEU C 17 6.05 -21.89 0.21
C LEU C 17 6.98 -21.73 1.40
N THR C 18 8.12 -21.07 1.21
CA THR C 18 9.02 -20.79 2.32
C THR C 18 8.31 -19.76 3.24
N LYS C 19 8.78 -19.63 4.50
CA LYS C 19 8.24 -18.61 5.40
C LYS C 19 8.54 -17.22 4.84
N LYS C 20 9.70 -17.06 4.17
CA LYS C 20 10.10 -15.76 3.58
C LYS C 20 9.15 -15.33 2.48
N ASP C 21 8.76 -16.27 1.60
CA ASP C 21 7.81 -15.99 0.52
C ASP C 21 6.39 -15.78 1.04
N SER C 22 6.01 -16.51 2.11
CA SER C 22 4.71 -16.41 2.78
C SER C 22 4.62 -15.04 3.43
N GLU C 23 5.71 -14.57 4.07
CA GLU C 23 5.78 -13.25 4.68
C GLU C 23 5.56 -12.14 3.65
N LYS C 24 6.24 -12.23 2.48
CA LYS C 24 6.09 -11.28 1.37
C LYS C 24 4.64 -11.21 0.92
N ALA C 25 4.02 -12.39 0.68
CA ALA C 25 2.62 -12.46 0.25
C ALA C 25 1.64 -11.95 1.29
N VAL C 26 1.86 -12.28 2.58
CA VAL C 26 0.95 -11.86 3.67
C VAL C 26 1.01 -10.32 3.80
N ASN C 27 2.20 -9.74 3.78
CA ASN C 27 2.35 -8.29 3.81
C ASN C 27 1.74 -7.63 2.61
N ALA C 28 1.95 -8.19 1.38
CA ALA C 28 1.39 -7.64 0.14
C ALA C 28 -0.15 -7.73 0.14
N PHE C 29 -0.72 -8.78 0.72
CA PHE C 29 -2.18 -8.93 0.86
C PHE C 29 -2.77 -7.68 1.57
N GLY C 30 -2.21 -7.34 2.73
CA GLY C 30 -2.63 -6.19 3.53
C GLY C 30 -2.45 -4.87 2.81
N GLU C 31 -1.31 -4.73 2.10
CA GLU C 31 -0.98 -3.54 1.29
C GLU C 31 -1.96 -3.33 0.13
N VAL C 32 -2.30 -4.42 -0.58
CA VAL C 32 -3.25 -4.40 -1.71
C VAL C 32 -4.66 -4.02 -1.23
N VAL C 33 -5.13 -4.64 -0.14
CA VAL C 33 -6.45 -4.31 0.44
C VAL C 33 -6.44 -2.82 0.82
N THR C 34 -5.35 -2.36 1.47
CA THR C 34 -5.20 -0.96 1.89
C THR C 34 -5.32 0.00 0.70
N GLU C 35 -4.61 -0.29 -0.42
CA GLU C 35 -4.62 0.55 -1.63
C GLU C 35 -5.96 0.62 -2.29
N PHE C 36 -6.64 -0.53 -2.41
CA PHE C 36 -7.99 -0.59 -2.97
C PHE C 36 -8.92 0.26 -2.16
N LEU C 37 -8.86 0.14 -0.82
CA LEU C 37 -9.68 0.90 0.11
C LEU C 37 -9.36 2.39 0.07
N ALA C 38 -8.08 2.77 -0.06
CA ALA C 38 -7.61 4.16 -0.19
C ALA C 38 -8.17 4.82 -1.49
N LYS C 39 -8.43 4.01 -2.53
CA LYS C 39 -9.01 4.40 -3.83
C LYS C 39 -10.54 4.41 -3.77
N GLY C 40 -11.11 4.09 -2.60
CA GLY C 40 -12.56 4.03 -2.41
C GLY C 40 -13.21 2.83 -3.08
N GLU C 41 -12.42 1.76 -3.37
CA GLU C 41 -12.90 0.53 -4.01
C GLU C 41 -13.05 -0.59 -3.00
N LYS C 42 -14.11 -1.42 -3.10
CA LYS C 42 -14.37 -2.61 -2.26
C LYS C 42 -13.53 -3.80 -2.78
N VAL C 43 -13.18 -4.76 -1.89
CA VAL C 43 -12.42 -5.98 -2.25
C VAL C 43 -13.19 -7.15 -1.71
N GLN C 44 -13.80 -7.93 -2.58
CA GLN C 44 -14.55 -9.12 -2.20
C GLN C 44 -13.66 -10.34 -2.34
N LEU C 45 -13.58 -11.15 -1.26
CA LEU C 45 -12.80 -12.38 -1.21
C LEU C 45 -13.70 -13.56 -0.88
N ILE C 46 -14.12 -14.30 -1.92
CA ILE C 46 -15.07 -15.41 -1.81
C ILE C 46 -14.58 -16.43 -0.78
N GLY C 47 -15.47 -16.82 0.11
CA GLY C 47 -15.15 -17.77 1.17
C GLY C 47 -14.51 -17.11 2.38
N PHE C 48 -14.37 -15.77 2.38
CA PHE C 48 -13.79 -15.07 3.52
C PHE C 48 -14.64 -13.86 3.91
N GLY C 49 -14.65 -12.85 3.04
CA GLY C 49 -15.42 -11.65 3.29
C GLY C 49 -15.08 -10.49 2.38
N THR C 50 -15.64 -9.33 2.70
CA THR C 50 -15.50 -8.13 1.89
C THR C 50 -14.95 -6.99 2.72
N PHE C 51 -13.85 -6.39 2.22
CA PHE C 51 -13.28 -5.19 2.82
C PHE C 51 -13.87 -4.02 2.05
N GLU C 52 -14.26 -2.99 2.78
CA GLU C 52 -14.84 -1.80 2.19
C GLU C 52 -14.62 -0.61 3.10
N THR C 53 -15.16 0.53 2.69
CA THR C 53 -15.11 1.75 3.47
C THR C 53 -16.55 2.16 3.69
N ARG C 54 -16.79 2.82 4.78
CA ARG C 54 -18.11 3.34 5.05
C ARG C 54 -17.98 4.77 5.55
N GLU C 55 -18.98 5.58 5.23
CA GLU C 55 -19.01 6.97 5.64
C GLU C 55 -19.73 7.03 6.97
N ARG C 56 -19.06 7.61 7.97
CA ARG C 56 -19.66 7.89 9.28
C ARG C 56 -20.20 9.31 9.10
N ALA C 57 -21.50 9.50 9.29
CA ALA C 57 -22.19 10.76 9.01
C ALA C 57 -21.79 11.91 9.91
N ALA C 58 -21.85 13.14 9.35
CA ALA C 58 -21.63 14.39 10.05
C ALA C 58 -22.71 14.49 11.13
N ARG C 59 -22.35 14.92 12.35
CA ARG C 59 -23.29 14.99 13.46
C ARG C 59 -22.95 16.11 14.44
N GLU C 60 -23.85 16.35 15.42
CA GLU C 60 -23.65 17.33 16.50
C GLU C 60 -23.04 16.52 17.65
N GLY C 61 -21.99 17.05 18.25
CA GLY C 61 -21.29 16.43 19.37
C GLY C 61 -20.89 17.45 20.40
N ARG C 62 -20.09 17.00 21.37
CA ARG C 62 -19.62 17.82 22.47
C ARG C 62 -18.11 17.86 22.48
N ASN C 63 -17.55 19.05 22.69
CA ASN C 63 -16.11 19.23 22.77
C ASN C 63 -15.74 18.77 24.21
N PRO C 64 -14.91 17.70 24.37
CA PRO C 64 -14.58 17.22 25.73
C PRO C 64 -13.81 18.20 26.62
N GLN C 65 -13.11 19.16 26.00
CA GLN C 65 -12.32 20.18 26.69
C GLN C 65 -13.15 21.38 27.16
N THR C 66 -14.06 21.89 26.29
CA THR C 66 -14.89 23.07 26.58
C THR C 66 -16.28 22.74 27.12
N GLY C 67 -16.77 21.55 26.78
CA GLY C 67 -18.12 21.11 27.14
C GLY C 67 -19.17 21.60 26.16
N GLU C 68 -18.76 22.43 25.18
CA GLU C 68 -19.70 23.02 24.23
C GLU C 68 -19.99 22.18 23.01
N ALA C 69 -21.20 22.41 22.44
CA ALA C 69 -21.73 21.76 21.24
C ALA C 69 -20.90 22.12 20.02
N ILE C 70 -20.56 21.11 19.21
CA ILE C 70 -19.71 21.26 18.05
C ILE C 70 -20.28 20.51 16.88
N LYS C 71 -19.86 20.86 15.66
CA LYS C 71 -20.27 20.15 14.45
C LYS C 71 -19.14 19.19 14.04
N ILE C 72 -19.40 17.89 14.06
CA ILE C 72 -18.41 16.86 13.72
C ILE C 72 -18.56 16.47 12.27
N ALA C 73 -17.51 16.66 11.48
CA ALA C 73 -17.48 16.32 10.05
C ALA C 73 -17.64 14.81 9.78
N ALA C 74 -18.15 14.49 8.57
CA ALA C 74 -18.30 13.14 8.10
C ALA C 74 -16.89 12.56 7.94
N THR C 75 -16.72 11.26 8.23
CA THR C 75 -15.43 10.61 8.06
C THR C 75 -15.55 9.24 7.40
N VAL C 76 -14.57 8.88 6.59
CA VAL C 76 -14.53 7.59 5.89
C VAL C 76 -13.74 6.65 6.79
N VAL C 77 -14.31 5.48 7.09
CA VAL C 77 -13.66 4.47 7.95
C VAL C 77 -13.57 3.10 7.25
N PRO C 78 -12.57 2.25 7.58
CA PRO C 78 -12.54 0.89 6.98
C PRO C 78 -13.61 0.02 7.62
N ALA C 79 -14.05 -1.01 6.89
CA ALA C 79 -15.04 -1.96 7.37
C ALA C 79 -14.79 -3.33 6.72
N PHE C 80 -15.16 -4.40 7.44
CA PHE C 80 -15.05 -5.77 6.95
C PHE C 80 -16.39 -6.46 7.18
N LYS C 81 -16.91 -7.12 6.14
CA LYS C 81 -18.17 -7.84 6.20
C LYS C 81 -17.87 -9.30 5.96
N ALA C 82 -17.96 -10.12 7.02
CA ALA C 82 -17.66 -11.55 6.95
C ALA C 82 -18.63 -12.27 6.06
N GLY C 83 -18.12 -13.22 5.28
CA GLY C 83 -18.96 -14.03 4.41
C GLY C 83 -19.55 -15.19 5.19
N LYS C 84 -20.41 -15.99 4.53
CA LYS C 84 -21.07 -17.14 5.14
C LYS C 84 -20.10 -18.20 5.72
N ALA C 85 -19.06 -18.58 4.95
CA ALA C 85 -18.10 -19.58 5.40
C ALA C 85 -17.38 -19.17 6.70
N LEU C 86 -17.01 -17.88 6.80
CA LEU C 86 -16.34 -17.39 8.00
C LEU C 86 -17.32 -17.34 9.21
N LYS C 87 -18.56 -16.88 8.98
CA LYS C 87 -19.61 -16.87 10.02
C LYS C 87 -19.90 -18.27 10.52
N ASP C 88 -20.03 -19.25 9.60
CA ASP C 88 -20.29 -20.66 9.95
C ASP C 88 -19.17 -21.27 10.78
N ALA C 89 -17.92 -20.91 10.47
CA ALA C 89 -16.75 -21.41 11.20
C ALA C 89 -16.68 -20.97 12.66
N VAL C 90 -17.15 -19.74 12.96
CA VAL C 90 -17.03 -19.20 14.31
C VAL C 90 -18.27 -19.45 15.18
N LYS C 91 -19.45 -19.71 14.58
CA LYS C 91 -20.67 -19.95 15.35
C LYS C 91 -20.68 -21.31 16.07
N MET D 1 -1.23 17.55 0.28
CA MET D 1 0.12 17.10 -0.01
C MET D 1 0.78 16.54 1.24
N ALA D 2 1.37 15.34 1.13
CA ALA D 2 2.07 14.70 2.23
C ALA D 2 3.52 15.16 2.24
N ASN D 3 4.08 15.33 3.43
CA ASN D 3 5.48 15.68 3.60
C ASN D 3 6.19 14.48 4.24
N LYS D 4 7.51 14.60 4.49
CA LYS D 4 8.33 13.56 5.09
C LYS D 4 7.82 13.11 6.48
N GLN D 5 7.40 14.04 7.36
CA GLN D 5 6.84 13.69 8.67
C GLN D 5 5.56 12.84 8.56
N ASP D 6 4.67 13.16 7.58
CA ASP D 6 3.46 12.36 7.28
C ASP D 6 3.87 10.95 6.85
N LEU D 7 4.88 10.84 5.98
CA LEU D 7 5.37 9.55 5.50
C LEU D 7 5.97 8.71 6.64
N ILE D 8 6.78 9.34 7.52
CA ILE D 8 7.41 8.67 8.68
C ILE D 8 6.33 8.14 9.63
N ALA D 9 5.31 8.97 9.93
CA ALA D 9 4.19 8.51 10.78
C ALA D 9 3.49 7.26 10.16
N GLU D 10 3.32 7.22 8.84
CA GLU D 10 2.68 6.08 8.20
C GLU D 10 3.59 4.83 8.11
N VAL D 11 4.89 5.02 7.95
CA VAL D 11 5.88 3.93 7.97
C VAL D 11 5.86 3.28 9.38
N ALA D 12 5.82 4.10 10.45
CA ALA D 12 5.76 3.58 11.86
C ALA D 12 4.46 2.82 12.11
N ALA D 13 3.34 3.36 11.63
CA ALA D 13 2.03 2.72 11.74
C ALA D 13 1.99 1.36 10.98
N LYS D 14 2.62 1.30 9.80
CA LYS D 14 2.65 0.08 8.99
C LYS D 14 3.58 -1.01 9.54
N THR D 15 4.71 -0.62 10.15
CA THR D 15 5.72 -1.57 10.58
C THR D 15 5.72 -1.90 12.09
N GLY D 16 5.19 -0.99 12.89
CA GLY D 16 5.27 -1.13 14.35
C GLY D 16 6.59 -0.62 14.90
N LEU D 17 7.47 -0.06 14.03
CA LEU D 17 8.75 0.52 14.46
C LEU D 17 8.47 1.82 15.15
N THR D 18 9.43 2.27 16.01
CA THR D 18 9.34 3.58 16.66
C THR D 18 9.39 4.65 15.56
N LYS D 19 8.86 5.87 15.82
CA LYS D 19 8.94 6.98 14.87
C LYS D 19 10.41 7.35 14.63
N LYS D 20 11.27 7.22 15.67
CA LYS D 20 12.70 7.50 15.57
C LYS D 20 13.36 6.58 14.54
N ASP D 21 13.09 5.26 14.63
CA ASP D 21 13.67 4.27 13.69
C ASP D 21 13.13 4.42 12.28
N SER D 22 11.85 4.80 12.16
CA SER D 22 11.18 5.02 10.87
C SER D 22 11.81 6.22 10.19
N GLU D 23 12.06 7.28 10.96
CA GLU D 23 12.72 8.49 10.47
C GLU D 23 14.14 8.20 9.96
N LYS D 24 14.94 7.41 10.73
CA LYS D 24 16.31 6.99 10.34
C LYS D 24 16.27 6.25 8.99
N ALA D 25 15.35 5.27 8.85
CA ALA D 25 15.23 4.48 7.64
C ALA D 25 14.77 5.31 6.43
N VAL D 26 13.83 6.23 6.65
CA VAL D 26 13.30 7.09 5.59
C VAL D 26 14.41 8.00 5.06
N ASN D 27 15.17 8.64 5.95
CA ASN D 27 16.29 9.50 5.58
C ASN D 27 17.37 8.73 4.87
N ALA D 28 17.72 7.52 5.38
CA ALA D 28 18.73 6.65 4.76
C ALA D 28 18.31 6.18 3.38
N PHE D 29 17.01 5.92 3.17
CA PHE D 29 16.48 5.50 1.86
C PHE D 29 16.88 6.52 0.77
N GLY D 30 16.57 7.80 1.02
CA GLY D 30 16.84 8.91 0.12
C GLY D 30 18.33 9.08 -0.13
N GLU D 31 19.13 8.98 0.95
CA GLU D 31 20.59 9.10 0.90
C GLU D 31 21.22 7.97 0.06
N VAL D 32 20.76 6.73 0.25
CA VAL D 32 21.28 5.56 -0.48
C VAL D 32 20.94 5.66 -1.97
N VAL D 33 19.68 6.03 -2.32
CA VAL D 33 19.27 6.20 -3.71
C VAL D 33 20.16 7.29 -4.34
N THR D 34 20.35 8.43 -3.64
CA THR D 34 21.20 9.53 -4.07
C THR D 34 22.63 9.06 -4.39
N GLU D 35 23.25 8.33 -3.46
CA GLU D 35 24.60 7.79 -3.57
C GLU D 35 24.80 6.82 -4.76
N PHE D 36 23.84 5.90 -5.00
CA PHE D 36 23.89 4.97 -6.13
C PHE D 36 23.79 5.73 -7.44
N LEU D 37 22.87 6.70 -7.51
CA LEU D 37 22.63 7.54 -8.68
C LEU D 37 23.80 8.48 -8.98
N ALA D 38 24.50 8.95 -7.94
CA ALA D 38 25.68 9.80 -8.08
C ALA D 38 26.83 8.98 -8.73
N LYS D 39 26.90 7.65 -8.46
CA LYS D 39 27.87 6.68 -8.99
C LYS D 39 27.46 6.14 -10.38
N GLY D 40 26.33 6.63 -10.90
CA GLY D 40 25.79 6.17 -12.18
C GLY D 40 25.22 4.76 -12.14
N GLU D 41 24.75 4.32 -10.95
CA GLU D 41 24.16 2.99 -10.75
C GLU D 41 22.65 3.06 -10.60
N LYS D 42 21.93 2.18 -11.32
CA LYS D 42 20.47 2.06 -11.23
C LYS D 42 20.11 1.38 -9.91
N VAL D 43 18.92 1.71 -9.37
CA VAL D 43 18.37 1.11 -8.16
C VAL D 43 17.01 0.55 -8.54
N GLN D 44 16.90 -0.80 -8.64
CA GLN D 44 15.64 -1.47 -8.94
C GLN D 44 14.98 -1.94 -7.64
N LEU D 45 13.74 -1.49 -7.40
CA LEU D 45 12.97 -1.83 -6.21
C LEU D 45 11.67 -2.54 -6.60
N ILE D 46 11.69 -3.89 -6.58
CA ILE D 46 10.54 -4.73 -6.91
C ILE D 46 9.30 -4.26 -6.14
N GLY D 47 8.21 -4.10 -6.88
CA GLY D 47 6.94 -3.67 -6.34
C GLY D 47 6.81 -2.18 -6.24
N PHE D 48 7.84 -1.44 -6.68
CA PHE D 48 7.79 0.03 -6.61
C PHE D 48 8.26 0.65 -7.91
N GLY D 49 9.55 0.55 -8.19
CA GLY D 49 10.09 1.10 -9.43
C GLY D 49 11.60 1.14 -9.48
N THR D 50 12.13 1.81 -10.51
CA THR D 50 13.56 1.89 -10.74
C THR D 50 14.02 3.33 -10.79
N PHE D 51 15.00 3.67 -9.94
CA PHE D 51 15.66 4.97 -9.99
C PHE D 51 16.88 4.81 -10.86
N GLU D 52 17.09 5.75 -11.76
CA GLU D 52 18.22 5.72 -12.69
C GLU D 52 18.61 7.12 -13.09
N THR D 53 19.59 7.22 -13.97
CA THR D 53 20.04 8.48 -14.52
C THR D 53 19.89 8.39 -16.01
N ARG D 54 19.70 9.54 -16.64
CA ARG D 54 19.63 9.60 -18.08
C ARG D 54 20.40 10.83 -18.53
N GLU D 55 20.96 10.75 -19.74
CA GLU D 55 21.71 11.86 -20.30
C GLU D 55 20.75 12.72 -21.09
N ARG D 56 20.69 14.01 -20.76
CA ARG D 56 19.92 15.01 -21.49
C ARG D 56 20.93 15.55 -22.48
N ALA D 57 20.60 15.48 -23.77
CA ALA D 57 21.47 15.90 -24.87
C ALA D 57 21.78 17.39 -24.85
N ALA D 58 22.97 17.79 -25.35
CA ALA D 58 23.36 19.19 -25.49
C ALA D 58 22.42 19.83 -26.48
N ARG D 59 22.03 21.08 -26.22
CA ARG D 59 21.14 21.83 -27.08
C ARG D 59 21.62 23.28 -27.14
N GLU D 60 21.11 24.01 -28.10
CA GLU D 60 21.46 25.39 -28.29
C GLU D 60 20.21 26.19 -28.51
N GLY D 61 20.27 27.45 -28.14
CA GLY D 61 19.14 28.32 -28.37
C GLY D 61 19.47 29.78 -28.26
N ARG D 62 18.40 30.58 -28.26
CA ARG D 62 18.50 32.02 -28.18
C ARG D 62 17.63 32.51 -27.03
N ASN D 63 18.11 33.50 -26.30
CA ASN D 63 17.25 34.14 -25.29
C ASN D 63 16.38 35.15 -26.10
N PRO D 64 15.03 34.99 -26.16
CA PRO D 64 14.20 35.90 -27.00
C PRO D 64 14.18 37.36 -26.56
N GLN D 65 14.54 37.62 -25.30
CA GLN D 65 14.57 38.96 -24.70
C GLN D 65 15.89 39.68 -24.94
N THR D 66 17.03 38.98 -24.80
CA THR D 66 18.38 39.56 -24.94
C THR D 66 18.96 39.37 -26.34
N GLY D 67 18.55 38.32 -27.03
CA GLY D 67 19.07 37.95 -28.34
C GLY D 67 20.30 37.07 -28.22
N GLU D 68 20.77 36.85 -26.98
CA GLU D 68 21.96 36.06 -26.61
C GLU D 68 21.87 34.57 -26.96
N ALA D 69 22.92 34.02 -27.58
CA ALA D 69 23.02 32.60 -27.88
C ALA D 69 23.28 31.90 -26.55
N ILE D 70 22.59 30.80 -26.32
CA ILE D 70 22.78 30.03 -25.10
C ILE D 70 23.18 28.63 -25.51
N LYS D 71 24.27 28.13 -24.94
CA LYS D 71 24.73 26.78 -25.20
C LYS D 71 24.40 25.97 -23.95
N ILE D 72 23.53 24.96 -24.09
CA ILE D 72 23.18 24.10 -22.96
C ILE D 72 23.97 22.80 -23.12
N ALA D 73 24.92 22.55 -22.22
CA ALA D 73 25.76 21.34 -22.22
C ALA D 73 24.94 20.07 -21.92
N ALA D 74 25.43 18.90 -22.35
CA ALA D 74 24.80 17.62 -22.04
C ALA D 74 24.85 17.45 -20.52
N THR D 75 23.77 16.97 -19.93
CA THR D 75 23.70 16.83 -18.48
C THR D 75 23.10 15.50 -18.06
N VAL D 76 23.59 14.95 -16.96
CA VAL D 76 23.07 13.71 -16.40
C VAL D 76 21.98 14.15 -15.41
N VAL D 77 20.78 13.57 -15.57
CA VAL D 77 19.63 13.91 -14.72
C VAL D 77 19.04 12.65 -14.06
N PRO D 78 18.43 12.77 -12.85
CA PRO D 78 17.78 11.58 -12.27
C PRO D 78 16.49 11.26 -13.01
N ALA D 79 16.07 9.99 -12.95
CA ALA D 79 14.84 9.51 -13.57
C ALA D 79 14.26 8.36 -12.72
N PHE D 80 12.95 8.16 -12.80
CA PHE D 80 12.25 7.11 -12.07
C PHE D 80 11.30 6.42 -13.05
N LYS D 81 11.35 5.09 -13.09
CA LYS D 81 10.48 4.30 -13.93
C LYS D 81 9.61 3.47 -13.00
N ALA D 82 8.30 3.80 -12.93
CA ALA D 82 7.36 3.12 -12.03
C ALA D 82 7.16 1.67 -12.47
N GLY D 83 7.08 0.78 -11.50
CA GLY D 83 6.83 -0.64 -11.79
C GLY D 83 5.35 -0.87 -11.96
N LYS D 84 4.98 -2.13 -12.28
CA LYS D 84 3.60 -2.53 -12.52
C LYS D 84 2.66 -2.25 -11.32
N ALA D 85 3.06 -2.66 -10.10
CA ALA D 85 2.24 -2.48 -8.89
C ALA D 85 1.91 -1.01 -8.64
N LEU D 86 2.89 -0.11 -8.84
CA LEU D 86 2.67 1.32 -8.62
C LEU D 86 1.75 1.91 -9.71
N LYS D 87 1.95 1.52 -10.98
CA LYS D 87 1.09 1.95 -12.08
C LYS D 87 -0.33 1.49 -11.88
N ASP D 88 -0.53 0.20 -11.51
CA ASP D 88 -1.86 -0.37 -11.26
C ASP D 88 -2.58 0.31 -10.11
N ALA D 89 -1.85 0.72 -9.06
CA ALA D 89 -2.42 1.41 -7.90
C ALA D 89 -2.99 2.79 -8.24
N VAL D 90 -2.38 3.51 -9.19
CA VAL D 90 -2.81 4.88 -9.50
C VAL D 90 -3.81 4.95 -10.65
N LYS D 91 -3.88 3.92 -11.51
CA LYS D 91 -4.78 3.98 -12.67
C LYS D 91 -6.25 3.77 -12.26
C ACT E . -17.19 -0.46 -5.50
O ACT E . -15.97 -0.80 -5.61
OXT ACT E . -18.19 -1.21 -5.71
CH3 ACT E . -17.45 0.99 -5.06
C ACT F . -12.68 -0.40 12.13
O ACT F . -12.89 -1.51 11.53
OXT ACT F . -12.68 0.78 11.60
CH3 ACT F . -12.42 -0.51 13.64
C ACT G . 3.49 -15.23 -13.33
O ACT G . 4.59 -15.66 -13.76
OXT ACT G . 2.43 -15.91 -13.29
CH3 ACT G . 3.47 -13.77 -12.83
C ACT H . 0.81 -4.15 5.98
O ACT H . 1.07 -5.12 6.73
OXT ACT H . -0.33 -3.86 5.50
CH3 ACT H . 2.01 -3.25 5.60
C ACT I . -17.82 -8.83 22.94
O ACT I . -16.88 -8.12 23.36
OXT ACT I . -18.82 -8.39 22.33
CH3 ACT I . -17.74 -10.35 23.18
C ACT J . -9.08 -15.06 0.99
O ACT J . -9.25 -16.23 1.41
OXT ACT J . -9.48 -14.63 -0.12
CH3 ACT J . -8.33 -14.08 1.91
S SO4 K . 15.25 19.80 -2.48
O1 SO4 K . 14.54 18.52 -2.45
O2 SO4 K . 16.68 19.55 -2.69
O3 SO4 K . 14.69 20.64 -3.55
O4 SO4 K . 15.05 20.46 -1.20
S SO4 L . 4.08 11.13 -22.50
O1 SO4 L . 2.71 11.27 -22.00
O2 SO4 L . 4.47 9.72 -22.52
O3 SO4 L . 4.15 11.67 -23.87
O4 SO4 L . 4.99 11.87 -21.63
C ACT M . 5.97 -8.37 11.55
O ACT M . 6.96 -8.97 11.12
OXT ACT M . 5.31 -8.71 12.51
CH3 ACT M . 5.54 -7.10 10.82
C ACT N . 10.13 0.00 -2.02
O ACT N . 11.04 -0.82 -2.20
OXT ACT N . 8.90 -0.30 -1.93
CH3 ACT N . 10.57 1.48 -1.89
C ACT O . -1.14 14.10 -7.53
O ACT O . -1.25 13.02 -6.87
OXT ACT O . -0.30 14.31 -8.43
CH3 ACT O . -2.10 15.26 -7.18
S SO4 P . -22.59 6.31 12.23
O1 SO4 P . -23.99 6.35 12.68
O2 SO4 P . -22.09 4.92 12.21
O3 SO4 P . -22.54 6.89 10.88
O4 SO4 P . -21.75 7.08 13.15
S SO4 Q . -6.90 -14.85 22.42
O1 SO4 Q . -6.51 -15.25 21.09
O2 SO4 Q . -7.38 -16.03 23.15
O3 SO4 Q . -5.76 -14.26 23.13
O4 SO4 Q . -7.97 -13.86 22.34
C ACT R . 11.38 -21.88 6.09
O ACT R . 10.92 -22.05 4.94
OXT ACT R . 12.24 -21.03 6.43
CH3 ACT R . 10.86 -22.80 7.20
C ACT S . -1.13 -8.08 6.71
O ACT S . -0.56 -8.66 7.65
OXT ACT S . -0.79 -6.97 6.22
CH3 ACT S . -2.36 -8.78 6.11
C ACT T . -11.23 -18.96 2.44
O ACT T . -10.79 -18.47 1.35
OXT ACT T . -11.10 -18.43 3.58
CH3 ACT T . -11.97 -20.29 2.35
S SO4 U . 16.17 15.21 -23.88
O1 SO4 U . 15.77 15.18 -22.49
O2 SO4 U . 17.01 14.05 -24.22
O3 SO4 U . 16.93 16.44 -24.16
O4 SO4 U . 14.95 15.19 -24.70
S SO4 V . 13.49 22.36 -19.99
O1 SO4 V . 12.47 22.24 -21.04
O2 SO4 V . 13.78 21.04 -19.43
O3 SO4 V . 14.71 22.92 -20.57
O4 SO4 V . 13.00 23.23 -18.93
C ACT W . -2.08 17.47 -3.15
O ACT W . -1.44 16.44 -2.93
OXT ACT W . -3.26 17.67 -2.76
CH3 ACT W . -1.39 18.60 -3.95
C ACT X . 20.62 7.59 -21.49
O ACT X . 21.59 7.25 -20.77
OXT ACT X . 20.26 8.76 -21.73
CH3 ACT X . 19.77 6.46 -22.13
C ACT Y . 14.65 11.73 2.18
O ACT Y . 15.89 11.74 1.93
OXT ACT Y . 14.04 12.68 2.73
CH3 ACT Y . 13.82 10.49 1.75
C ACT Z . 6.63 -2.46 -2.16
O ACT Z . 7.86 -2.67 -2.29
OXT ACT Z . 6.05 -1.36 -2.41
CH3 ACT Z . 5.77 -3.65 -1.67
C ACT AA . -2.26 -8.20 -15.04
O ACT AA . -1.60 -8.97 -14.30
OXT ACT AA . -1.93 -7.87 -16.22
CH3 ACT AA . -3.56 -7.60 -14.47
#